data_7Q2E
#
_entry.id   7Q2E
#
_cell.length_a   56.772
_cell.length_b   56.772
_cell.length_c   207.019
_cell.angle_alpha   90.00
_cell.angle_beta   90.00
_cell.angle_gamma   120.00
#
_symmetry.space_group_name_H-M   'P 31 2 1'
#
loop_
_entity.id
_entity.type
_entity.pdbx_description
1 polymer 'Hydroxymycolate synthase MmaA4'
2 non-polymer 2-bromanylpyridin-3-ol
3 non-polymer 'DIMETHYL SULFOXIDE'
4 water water
#
_entity_poly.entity_id   1
_entity_poly.type   'polypeptide(L)'
_entity_poly.pdbx_seq_one_letter_code
;MGSSHYHHHHSSGLVPRGSHMAEKPISPTKTRTRFEDIQAHYDVSDDFFALFQDPTRTYSCAYFEPPELTLEEAQYAKVD
LNLDKLDLKPGMTLLDIGCGWGTTMRRAVERFDVNVIGLTLSKNQHARCEQVLASIDTNRSRQVLLQGWEDFAEPVDRIV
SIEAFEHFGHENYDDFFKRCFNIMPADGRMTVQSSVSYHPYEMAARGKKLSFETARFIKFIVTEIFPGGRLPSTEMMVEH
GEKAGFTVPEPLSLRPHYIKTLRIWGDTLQSNKDKAIEVTSEEVYNRYMKYLRGCEHYFTDEMLDCSLVTYLKPGAAA
;
_entity_poly.pdbx_strand_id   A
#
loop_
_chem_comp.id
_chem_comp.type
_chem_comp.name
_chem_comp.formula
8N0 non-polymer 2-bromanylpyridin-3-ol 'C5 H4 Br N O'
DMS non-polymer 'DIMETHYL SULFOXIDE' 'C2 H6 O S'
#
# COMPACT_ATOMS: atom_id res chain seq x y z
N ASP A 37 21.77 4.00 9.52
CA ASP A 37 23.02 3.73 8.76
C ASP A 37 22.97 2.32 8.18
N ILE A 38 22.87 1.29 9.04
CA ILE A 38 22.73 -0.10 8.54
C ILE A 38 21.48 -0.16 7.67
N GLN A 39 20.40 0.50 8.12
CA GLN A 39 19.16 0.55 7.30
C GLN A 39 19.43 1.38 6.05
N ALA A 40 20.06 2.54 6.20
CA ALA A 40 20.37 3.42 5.05
C ALA A 40 21.09 2.60 3.97
N HIS A 41 21.90 1.64 4.38
CA HIS A 41 22.62 0.78 3.40
C HIS A 41 21.62 0.15 2.44
N TYR A 42 20.36 0.01 2.87
CA TYR A 42 19.32 -0.65 2.02
C TYR A 42 18.54 0.39 1.21
N ASP A 43 18.93 1.67 1.25
CA ASP A 43 18.35 2.73 0.38
C ASP A 43 18.67 2.38 -1.07
N VAL A 44 17.68 2.41 -1.95
CA VAL A 44 17.80 2.08 -3.41
C VAL A 44 17.20 3.23 -4.24
N SER A 45 17.88 3.63 -5.32
CA SER A 45 17.43 4.74 -6.22
C SER A 45 16.11 4.39 -6.89
N ASP A 46 15.24 5.39 -7.10
CA ASP A 46 13.94 5.28 -7.81
C ASP A 46 14.16 4.63 -9.18
N ASP A 47 15.33 4.86 -9.80
CA ASP A 47 15.72 4.35 -11.15
C ASP A 47 15.67 2.81 -11.19
N PHE A 48 16.00 2.16 -10.07
CA PHE A 48 16.03 0.68 -9.99
C PHE A 48 14.58 0.18 -10.10
N PHE A 49 13.68 0.77 -9.31
CA PHE A 49 12.26 0.36 -9.20
C PHE A 49 11.59 0.49 -10.58
N ALA A 50 11.94 1.53 -11.34
CA ALA A 50 11.43 1.78 -12.71
C ALA A 50 11.76 0.61 -13.64
N LEU A 51 12.79 -0.18 -13.33
CA LEU A 51 13.24 -1.32 -14.19
C LEU A 51 12.43 -2.60 -13.92
N PHE A 52 11.45 -2.59 -13.01
CA PHE A 52 10.58 -3.79 -12.78
C PHE A 52 9.10 -3.41 -12.67
N GLN A 53 8.78 -2.16 -12.35
CA GLN A 53 7.38 -1.70 -12.18
C GLN A 53 6.80 -1.29 -13.54
N ASP A 54 5.48 -1.12 -13.61
CA ASP A 54 4.73 -0.61 -14.79
C ASP A 54 5.05 0.88 -14.97
N PRO A 55 4.65 1.52 -16.09
CA PRO A 55 4.97 2.92 -16.32
C PRO A 55 4.48 3.88 -15.23
N THR A 56 3.45 3.54 -14.43
CA THR A 56 2.92 4.40 -13.34
C THR A 56 3.83 4.32 -12.11
N ARG A 57 4.75 3.35 -12.06
CA ARG A 57 5.69 3.15 -10.94
C ARG A 57 4.90 2.80 -9.67
N THR A 58 3.79 2.07 -9.81
CA THR A 58 2.97 1.62 -8.65
C THR A 58 3.70 0.45 -7.98
N TYR A 59 4.03 0.60 -6.70
CA TYR A 59 4.78 -0.38 -5.88
C TYR A 59 3.80 -1.00 -4.87
N SER A 60 2.74 -1.60 -5.38
CA SER A 60 1.71 -2.32 -4.57
C SER A 60 0.94 -3.29 -5.47
N CYS A 61 0.14 -4.15 -4.84
CA CYS A 61 -0.65 -5.22 -5.50
C CYS A 61 -1.55 -4.62 -6.59
N ALA A 62 -1.46 -5.14 -7.81
CA ALA A 62 -2.39 -4.80 -8.91
C ALA A 62 -3.67 -5.63 -8.74
N TYR A 63 -4.73 -5.27 -9.46
CA TYR A 63 -6.02 -5.99 -9.43
C TYR A 63 -6.36 -6.42 -10.87
N PHE A 64 -6.15 -7.70 -11.17
CA PHE A 64 -6.39 -8.29 -12.51
C PHE A 64 -7.86 -8.71 -12.63
N GLU A 65 -8.75 -7.72 -12.72
CA GLU A 65 -10.21 -7.88 -12.97
C GLU A 65 -10.61 -6.94 -14.12
N PRO A 66 -10.82 -7.43 -15.36
CA PRO A 66 -10.79 -8.86 -15.67
C PRO A 66 -9.37 -9.41 -15.75
N PRO A 67 -9.18 -10.76 -15.74
CA PRO A 67 -7.86 -11.37 -15.65
C PRO A 67 -6.82 -10.97 -16.73
N GLU A 68 -7.27 -10.45 -17.87
CA GLU A 68 -6.44 -10.21 -19.08
C GLU A 68 -5.86 -8.79 -19.10
N LEU A 69 -6.06 -7.98 -18.05
CA LEU A 69 -5.48 -6.62 -17.96
C LEU A 69 -3.94 -6.74 -17.94
N THR A 70 -3.25 -5.80 -18.60
CA THR A 70 -1.80 -5.57 -18.43
C THR A 70 -1.57 -5.09 -16.98
N LEU A 71 -0.34 -5.23 -16.49
CA LEU A 71 0.06 -4.74 -15.14
C LEU A 71 -0.40 -3.29 -14.96
N GLU A 72 -0.13 -2.43 -15.94
CA GLU A 72 -0.46 -0.98 -15.87
C GLU A 72 -1.97 -0.79 -15.70
N GLU A 73 -2.78 -1.46 -16.52
CA GLU A 73 -4.28 -1.38 -16.46
C GLU A 73 -4.75 -1.95 -15.10
N ALA A 74 -4.11 -3.03 -14.62
CA ALA A 74 -4.43 -3.68 -13.33
C ALA A 74 -4.12 -2.75 -12.15
N GLN A 75 -3.14 -1.85 -12.30
CA GLN A 75 -2.77 -0.88 -11.24
C GLN A 75 -3.85 0.20 -11.17
N TYR A 76 -4.39 0.63 -12.31
CA TYR A 76 -5.55 1.56 -12.35
C TYR A 76 -6.77 0.85 -11.77
N ALA A 77 -6.97 -0.43 -12.10
CA ALA A 77 -8.10 -1.25 -11.58
C ALA A 77 -8.03 -1.35 -10.05
N LYS A 78 -6.83 -1.51 -9.47
CA LYS A 78 -6.64 -1.54 -7.99
C LYS A 78 -7.03 -0.17 -7.39
N VAL A 79 -6.61 0.92 -8.01
CA VAL A 79 -6.97 2.27 -7.50
C VAL A 79 -8.50 2.41 -7.45
N ASP A 80 -9.18 1.97 -8.51
CA ASP A 80 -10.65 2.02 -8.65
C ASP A 80 -11.31 1.12 -7.58
N LEU A 81 -10.78 -0.09 -7.39
CA LEU A 81 -11.26 -1.04 -6.35
C LEU A 81 -11.28 -0.31 -4.99
N ASN A 82 -10.21 0.42 -4.67
CA ASN A 82 -10.10 1.16 -3.38
C ASN A 82 -11.11 2.32 -3.37
N LEU A 83 -11.09 3.19 -4.38
CA LEU A 83 -11.89 4.44 -4.36
C LEU A 83 -13.40 4.11 -4.39
N ASP A 84 -13.78 3.02 -5.06
CA ASP A 84 -15.21 2.63 -5.26
C ASP A 84 -15.83 2.19 -3.92
N LYS A 85 -15.01 1.89 -2.91
CA LYS A 85 -15.50 1.50 -1.57
C LYS A 85 -15.76 2.73 -0.68
N LEU A 86 -15.39 3.95 -1.10
CA LEU A 86 -15.27 5.10 -0.16
C LEU A 86 -16.48 6.04 -0.21
N ASP A 87 -17.53 5.71 -0.97
CA ASP A 87 -18.75 6.56 -1.03
C ASP A 87 -18.33 8.02 -1.25
N LEU A 88 -17.57 8.30 -2.30
CA LEU A 88 -17.00 9.65 -2.56
C LEU A 88 -18.02 10.46 -3.35
N LYS A 89 -18.32 11.68 -2.90
CA LYS A 89 -19.27 12.59 -3.57
C LYS A 89 -18.54 13.85 -4.00
N PRO A 90 -18.96 14.53 -5.09
CA PRO A 90 -18.30 15.76 -5.50
C PRO A 90 -18.15 16.75 -4.33
N GLY A 91 -16.99 17.39 -4.21
CA GLY A 91 -16.73 18.45 -3.22
C GLY A 91 -16.19 17.90 -1.92
N MET A 92 -16.24 16.58 -1.72
CA MET A 92 -15.58 15.96 -0.54
C MET A 92 -14.08 16.15 -0.66
N THR A 93 -13.37 15.95 0.45
CA THR A 93 -11.89 15.88 0.49
C THR A 93 -11.48 14.45 0.83
N LEU A 94 -10.65 13.86 -0.04
CA LEU A 94 -10.02 12.54 0.19
C LEU A 94 -8.58 12.76 0.67
N LEU A 95 -8.23 12.11 1.79
CA LEU A 95 -6.83 12.01 2.29
C LEU A 95 -6.22 10.72 1.75
N ASP A 96 -5.08 10.82 1.07
CA ASP A 96 -4.28 9.64 0.65
C ASP A 96 -3.05 9.53 1.55
N ILE A 97 -3.02 8.54 2.45
CA ILE A 97 -1.87 8.34 3.38
C ILE A 97 -0.85 7.42 2.70
N GLY A 98 0.30 7.98 2.33
CA GLY A 98 1.32 7.29 1.53
C GLY A 98 0.96 7.39 0.06
N CYS A 99 0.96 8.61 -0.48
CA CYS A 99 0.29 8.96 -1.76
C CYS A 99 1.15 8.60 -2.98
N GLY A 100 2.36 8.07 -2.76
CA GLY A 100 3.22 7.55 -3.84
C GLY A 100 3.53 8.62 -4.88
N TRP A 101 3.32 8.29 -6.16
CA TRP A 101 3.63 9.19 -7.31
C TRP A 101 2.36 9.95 -7.72
N GLY A 102 1.28 9.84 -6.94
CA GLY A 102 0.08 10.68 -7.04
C GLY A 102 -1.01 10.07 -7.90
N THR A 103 -0.85 8.83 -8.35
CA THR A 103 -1.80 8.15 -9.28
C THR A 103 -3.20 8.06 -8.66
N THR A 104 -3.29 7.66 -7.40
CA THR A 104 -4.57 7.49 -6.67
C THR A 104 -5.29 8.84 -6.58
N MET A 105 -4.57 9.88 -6.17
CA MET A 105 -5.15 11.24 -5.98
C MET A 105 -5.66 11.76 -7.33
N ARG A 106 -4.86 11.62 -8.38
CA ARG A 106 -5.26 12.10 -9.73
C ARG A 106 -6.55 11.40 -10.14
N ARG A 107 -6.62 10.07 -9.98
CA ARG A 107 -7.80 9.28 -10.40
C ARG A 107 -9.02 9.70 -9.58
N ALA A 108 -8.85 9.97 -8.28
CA ALA A 108 -9.93 10.44 -7.40
C ALA A 108 -10.47 11.79 -7.92
N VAL A 109 -9.58 12.74 -8.22
CA VAL A 109 -10.04 14.08 -8.71
C VAL A 109 -10.82 13.87 -10.01
N GLU A 110 -10.23 13.16 -10.97
CA GLU A 110 -10.76 12.99 -12.34
C GLU A 110 -12.10 12.24 -12.30
N ARG A 111 -12.23 11.20 -11.47
CA ARG A 111 -13.41 10.29 -11.46
C ARG A 111 -14.52 10.85 -10.56
N PHE A 112 -14.18 11.45 -9.41
CA PHE A 112 -15.17 11.75 -8.33
C PHE A 112 -15.32 13.25 -8.09
N ASP A 113 -14.48 14.08 -8.71
CA ASP A 113 -14.55 15.56 -8.61
C ASP A 113 -14.40 15.98 -7.14
N VAL A 114 -13.37 15.46 -6.47
CA VAL A 114 -13.10 15.70 -5.02
C VAL A 114 -11.81 16.50 -4.89
N ASN A 115 -11.67 17.20 -3.77
CA ASN A 115 -10.38 17.76 -3.30
C ASN A 115 -9.53 16.61 -2.78
N VAL A 116 -8.22 16.74 -2.84
CA VAL A 116 -7.30 15.67 -2.35
C VAL A 116 -6.21 16.31 -1.51
N ILE A 117 -5.78 15.58 -0.50
CA ILE A 117 -4.57 15.85 0.33
C ILE A 117 -3.78 14.55 0.35
N GLY A 118 -2.52 14.61 -0.08
CA GLY A 118 -1.59 13.46 -0.04
C GLY A 118 -0.54 13.65 1.04
N LEU A 119 -0.19 12.58 1.74
CA LEU A 119 0.94 12.53 2.68
C LEU A 119 1.98 11.56 2.11
N THR A 120 3.24 12.00 2.06
CA THR A 120 4.40 11.16 1.67
C THR A 120 5.62 11.62 2.49
N LEU A 121 6.56 10.70 2.75
CA LEU A 121 7.82 11.00 3.46
C LEU A 121 8.97 11.14 2.45
N SER A 122 8.71 10.93 1.16
CA SER A 122 9.71 10.98 0.05
C SER A 122 9.68 12.35 -0.65
N LYS A 123 10.80 13.08 -0.61
CA LYS A 123 10.95 14.41 -1.26
C LYS A 123 10.64 14.27 -2.75
N ASN A 124 11.16 13.21 -3.40
CA ASN A 124 10.98 12.98 -4.86
C ASN A 124 9.50 12.74 -5.17
N GLN A 125 8.82 11.91 -4.36
CA GLN A 125 7.38 11.63 -4.56
C GLN A 125 6.59 12.94 -4.38
N HIS A 126 6.94 13.73 -3.36
CA HIS A 126 6.30 15.04 -3.08
C HIS A 126 6.39 15.95 -4.32
N ALA A 127 7.59 16.10 -4.88
CA ALA A 127 7.86 16.92 -6.08
C ALA A 127 6.96 16.45 -7.23
N ARG A 128 6.92 15.14 -7.45
CA ARG A 128 6.18 14.54 -8.59
C ARG A 128 4.67 14.77 -8.39
N CYS A 129 4.17 14.58 -7.17
CA CYS A 129 2.73 14.72 -6.85
C CYS A 129 2.26 16.15 -7.10
N GLU A 130 3.01 17.16 -6.61
CA GLU A 130 2.68 18.59 -6.85
C GLU A 130 2.47 18.82 -8.35
N GLN A 131 3.35 18.27 -9.19
CA GLN A 131 3.28 18.47 -10.65
C GLN A 131 2.15 17.62 -11.24
N VAL A 132 1.99 16.37 -10.80
CA VAL A 132 0.84 15.54 -11.24
C VAL A 132 -0.47 16.31 -10.95
N LEU A 133 -0.63 16.82 -9.73
CA LEU A 133 -1.89 17.48 -9.30
C LEU A 133 -2.07 18.83 -10.00
N ALA A 134 -1.00 19.62 -10.15
CA ALA A 134 -1.03 20.92 -10.86
C ALA A 134 -1.46 20.72 -12.31
N SER A 135 -1.06 19.60 -12.93
CA SER A 135 -1.38 19.25 -14.35
C SER A 135 -2.88 19.04 -14.56
N ILE A 136 -3.63 18.70 -13.51
CA ILE A 136 -5.07 18.32 -13.61
C ILE A 136 -5.90 19.56 -13.93
N ASP A 137 -6.76 19.47 -14.94
CA ASP A 137 -7.74 20.52 -15.31
C ASP A 137 -8.93 20.45 -14.36
N THR A 138 -8.94 21.28 -13.30
CA THR A 138 -9.95 21.25 -12.19
C THR A 138 -9.90 22.56 -11.40
N ASN A 139 -11.02 22.88 -10.70
CA ASN A 139 -11.13 23.95 -9.68
C ASN A 139 -10.89 23.38 -8.27
N ARG A 140 -10.77 22.05 -8.14
CA ARG A 140 -10.66 21.40 -6.81
C ARG A 140 -9.28 21.67 -6.21
N SER A 141 -9.27 21.76 -4.88
CA SER A 141 -8.07 21.85 -4.01
C SER A 141 -7.27 20.56 -4.12
N ARG A 142 -5.97 20.69 -4.43
CA ARG A 142 -5.01 19.57 -4.45
C ARG A 142 -3.80 19.98 -3.61
N GLN A 143 -3.42 19.17 -2.63
CA GLN A 143 -2.34 19.47 -1.67
C GLN A 143 -1.52 18.19 -1.47
N VAL A 144 -0.20 18.30 -1.43
CA VAL A 144 0.69 17.19 -1.01
C VAL A 144 1.63 17.72 0.07
N LEU A 145 1.71 16.98 1.18
CA LEU A 145 2.49 17.34 2.39
C LEU A 145 3.62 16.31 2.57
N LEU A 146 4.84 16.81 2.76
CA LEU A 146 6.01 15.97 3.11
C LEU A 146 5.97 15.74 4.62
N GLN A 147 5.10 14.82 5.06
CA GLN A 147 4.94 14.48 6.50
C GLN A 147 4.19 13.16 6.61
N GLY A 148 4.17 12.60 7.83
CA GLY A 148 3.40 11.40 8.16
C GLY A 148 2.04 11.76 8.73
N TRP A 149 1.17 10.77 8.86
CA TRP A 149 -0.21 10.93 9.41
C TRP A 149 -0.15 11.42 10.87
N GLU A 150 0.93 11.13 11.60
CA GLU A 150 1.13 11.52 13.02
C GLU A 150 0.97 13.04 13.17
N ASP A 151 1.45 13.81 12.20
CA ASP A 151 1.46 15.30 12.20
C ASP A 151 0.29 15.86 11.40
N PHE A 152 -0.70 15.03 11.02
CA PHE A 152 -1.86 15.46 10.20
C PHE A 152 -3.13 15.43 11.06
N ALA A 153 -3.80 16.58 11.16
CA ALA A 153 -4.97 16.78 12.04
C ALA A 153 -5.95 17.76 11.39
N GLU A 154 -6.22 17.60 10.08
CA GLU A 154 -7.19 18.45 9.35
C GLU A 154 -8.41 17.59 9.06
N PRO A 155 -9.64 18.16 9.15
CA PRO A 155 -10.85 17.44 8.76
C PRO A 155 -10.79 16.99 7.29
N VAL A 156 -11.14 15.73 7.06
CA VAL A 156 -11.25 15.12 5.70
C VAL A 156 -12.50 14.22 5.70
N ASP A 157 -13.02 13.91 4.52
CA ASP A 157 -14.29 13.14 4.36
C ASP A 157 -13.98 11.64 4.35
N ARG A 158 -12.94 11.24 3.63
CA ARG A 158 -12.62 9.83 3.31
C ARG A 158 -11.10 9.65 3.33
N ILE A 159 -10.65 8.43 3.60
CA ILE A 159 -9.18 8.16 3.66
C ILE A 159 -8.89 6.92 2.83
N VAL A 160 -7.83 6.98 2.03
CA VAL A 160 -7.27 5.78 1.35
C VAL A 160 -5.80 5.64 1.76
N SER A 161 -5.36 4.41 2.00
CA SER A 161 -3.93 4.13 2.30
C SER A 161 -3.55 2.80 1.67
N ILE A 162 -2.76 2.83 0.59
CA ILE A 162 -2.37 1.62 -0.19
C ILE A 162 -0.92 1.25 0.14
N GLU A 163 -0.74 0.19 0.92
CA GLU A 163 0.56 -0.45 1.29
C GLU A 163 1.57 0.61 1.79
N ALA A 164 1.14 1.46 2.74
CA ALA A 164 2.01 2.27 3.63
C ALA A 164 1.99 1.72 5.07
N PHE A 165 0.90 1.04 5.44
CA PHE A 165 0.58 0.52 6.82
C PHE A 165 1.70 -0.39 7.35
N GLU A 166 2.39 -1.14 6.47
CA GLU A 166 3.51 -2.07 6.80
C GLU A 166 4.70 -1.28 7.36
N HIS A 167 4.68 0.06 7.34
CA HIS A 167 5.82 0.93 7.75
C HIS A 167 5.51 1.74 9.02
N PHE A 168 4.33 1.55 9.64
CA PHE A 168 3.82 2.35 10.80
C PHE A 168 4.40 1.81 12.12
N GLY A 169 4.46 0.49 12.29
CA GLY A 169 4.90 -0.17 13.53
C GLY A 169 3.72 -0.46 14.46
N HIS A 170 3.67 -1.66 15.05
CA HIS A 170 2.56 -2.21 15.88
C HIS A 170 2.11 -1.20 16.95
N GLU A 171 3.06 -0.62 17.68
CA GLU A 171 2.84 0.30 18.83
C GLU A 171 2.09 1.58 18.39
N ASN A 172 2.01 1.85 17.08
CA ASN A 172 1.35 3.07 16.53
C ASN A 172 -0.09 2.77 16.09
N TYR A 173 -0.54 1.50 16.11
CA TYR A 173 -1.81 1.11 15.43
C TYR A 173 -2.99 1.80 16.11
N ASP A 174 -3.04 1.83 17.45
CA ASP A 174 -4.15 2.48 18.18
C ASP A 174 -4.20 3.97 17.83
N ASP A 175 -3.05 4.65 17.78
CA ASP A 175 -2.99 6.11 17.47
C ASP A 175 -3.45 6.35 16.03
N PHE A 176 -3.07 5.47 15.09
CA PHE A 176 -3.44 5.57 13.66
C PHE A 176 -4.96 5.54 13.52
N PHE A 177 -5.63 4.52 14.07
CA PHE A 177 -7.09 4.33 13.85
C PHE A 177 -7.87 5.43 14.58
N LYS A 178 -7.39 5.88 15.74
CA LYS A 178 -8.00 6.98 16.52
C LYS A 178 -7.93 8.28 15.70
N ARG A 179 -6.76 8.60 15.15
N ARG A 179 -6.77 8.60 15.13
CA ARG A 179 -6.56 9.77 14.27
CA ARG A 179 -6.59 9.81 14.29
C ARG A 179 -7.55 9.69 13.11
C ARG A 179 -7.55 9.71 13.09
N CYS A 180 -7.56 8.57 12.39
CA CYS A 180 -8.40 8.37 11.19
C CYS A 180 -9.89 8.54 11.54
N PHE A 181 -10.32 7.97 12.66
CA PHE A 181 -11.72 8.06 13.13
C PHE A 181 -12.09 9.52 13.38
N ASN A 182 -11.23 10.24 14.09
CA ASN A 182 -11.53 11.59 14.64
C ASN A 182 -11.51 12.66 13.55
N ILE A 183 -10.75 12.49 12.46
CA ILE A 183 -10.59 13.56 11.41
C ILE A 183 -11.70 13.43 10.36
N MET A 184 -12.53 12.38 10.43
CA MET A 184 -13.60 12.13 9.43
C MET A 184 -14.95 12.52 10.01
N PRO A 185 -15.96 12.80 9.15
CA PRO A 185 -17.29 13.14 9.62
C PRO A 185 -18.01 11.87 10.05
N ALA A 186 -19.29 11.97 10.39
CA ALA A 186 -20.14 10.87 10.87
C ALA A 186 -20.26 9.77 9.79
N ASP A 187 -20.23 10.12 8.50
CA ASP A 187 -20.37 9.13 7.38
C ASP A 187 -19.01 8.73 6.82
N GLY A 188 -17.92 8.94 7.57
CA GLY A 188 -16.54 8.66 7.13
C GLY A 188 -16.32 7.20 6.75
N ARG A 189 -15.43 6.97 5.79
CA ARG A 189 -14.95 5.61 5.44
C ARG A 189 -13.45 5.68 5.12
N MET A 190 -12.78 4.57 5.34
CA MET A 190 -11.33 4.43 5.05
C MET A 190 -11.09 3.05 4.43
N THR A 191 -10.23 2.99 3.43
CA THR A 191 -9.62 1.71 2.99
C THR A 191 -8.14 1.71 3.37
N VAL A 192 -7.69 0.57 3.88
CA VAL A 192 -6.25 0.29 4.06
C VAL A 192 -5.96 -1.01 3.33
N GLN A 193 -5.09 -0.96 2.32
CA GLN A 193 -4.56 -2.17 1.64
C GLN A 193 -3.17 -2.45 2.21
N SER A 194 -2.94 -3.66 2.74
CA SER A 194 -1.64 -4.03 3.37
C SER A 194 -1.33 -5.50 3.10
N SER A 195 -0.08 -5.81 2.79
CA SER A 195 0.51 -7.15 2.97
C SER A 195 0.39 -7.53 4.44
N VAL A 196 0.11 -8.80 4.70
CA VAL A 196 -0.10 -9.32 6.08
C VAL A 196 0.59 -10.68 6.21
N SER A 197 0.95 -11.01 7.45
CA SER A 197 1.43 -12.34 7.89
C SER A 197 0.32 -12.93 8.76
N TYR A 198 0.53 -14.11 9.33
CA TYR A 198 -0.41 -14.71 10.32
C TYR A 198 0.28 -14.70 11.69
N HIS A 199 -0.50 -14.62 12.78
CA HIS A 199 0.01 -14.84 14.14
C HIS A 199 0.84 -16.13 14.11
N PRO A 200 2.00 -16.22 14.82
CA PRO A 200 2.80 -17.44 14.85
C PRO A 200 1.98 -18.73 15.15
N TYR A 201 0.93 -18.63 15.97
CA TYR A 201 0.03 -19.75 16.34
C TYR A 201 -0.64 -20.30 15.08
N GLU A 202 -1.20 -19.42 14.25
CA GLU A 202 -1.86 -19.77 12.95
C GLU A 202 -0.81 -20.38 12.00
N MET A 203 0.39 -19.80 11.94
CA MET A 203 1.49 -20.27 11.05
C MET A 203 1.90 -21.72 11.42
N ALA A 204 2.06 -22.02 12.71
CA ALA A 204 2.40 -23.37 13.23
C ALA A 204 1.38 -24.42 12.74
N ALA A 205 0.10 -24.05 12.64
CA ALA A 205 -1.01 -24.96 12.27
C ALA A 205 -0.82 -25.49 10.84
N ARG A 206 -0.17 -24.71 9.97
CA ARG A 206 0.00 -25.00 8.51
C ARG A 206 1.40 -25.55 8.24
N GLY A 207 2.00 -26.31 9.19
CA GLY A 207 3.37 -26.86 9.09
C GLY A 207 4.41 -26.05 9.87
N LYS A 208 5.10 -26.68 10.82
CA LYS A 208 6.19 -26.07 11.61
C LYS A 208 7.40 -25.75 10.70
N LYS A 209 7.81 -26.72 9.84
CA LYS A 209 8.91 -26.50 8.87
C LYS A 209 8.63 -25.21 8.08
N LEU A 210 7.41 -25.08 7.53
CA LEU A 210 7.01 -23.91 6.71
C LEU A 210 6.83 -22.67 7.59
N SER A 211 6.46 -22.87 8.86
CA SER A 211 6.24 -21.77 9.83
C SER A 211 7.57 -21.03 10.09
N PHE A 212 8.65 -21.75 10.44
CA PHE A 212 9.97 -21.10 10.74
C PHE A 212 10.55 -20.44 9.48
N GLU A 213 10.33 -21.08 8.33
CA GLU A 213 10.91 -20.69 7.02
C GLU A 213 10.29 -19.35 6.60
N THR A 214 8.99 -19.19 6.81
CA THR A 214 8.21 -17.96 6.52
C THR A 214 8.68 -16.85 7.47
N ALA A 215 8.76 -17.15 8.76
CA ALA A 215 9.20 -16.13 9.74
C ALA A 215 10.57 -15.58 9.31
N ARG A 216 11.44 -16.44 8.80
CA ARG A 216 12.81 -16.01 8.41
C ARG A 216 12.73 -15.09 7.19
N PHE A 217 11.92 -15.45 6.20
CA PHE A 217 11.75 -14.59 5.00
C PHE A 217 11.18 -13.24 5.43
N ILE A 218 10.19 -13.26 6.34
CA ILE A 218 9.58 -11.98 6.82
C ILE A 218 10.68 -11.11 7.44
N LYS A 219 11.56 -11.71 8.24
CA LYS A 219 12.71 -11.01 8.87
C LYS A 219 13.56 -10.35 7.77
N PHE A 220 13.75 -11.03 6.65
CA PHE A 220 14.55 -10.54 5.48
C PHE A 220 13.83 -9.33 4.86
N ILE A 221 12.53 -9.44 4.61
CA ILE A 221 11.72 -8.33 4.02
C ILE A 221 11.88 -7.07 4.89
N VAL A 222 11.73 -7.25 6.21
CA VAL A 222 11.63 -6.16 7.23
C VAL A 222 13.03 -5.65 7.61
N THR A 223 14.10 -6.30 7.12
CA THR A 223 15.51 -5.91 7.37
C THR A 223 16.12 -5.24 6.12
N GLU A 224 15.89 -5.82 4.94
CA GLU A 224 16.65 -5.51 3.69
C GLU A 224 15.77 -4.84 2.63
N ILE A 225 14.44 -5.01 2.65
CA ILE A 225 13.53 -4.48 1.58
C ILE A 225 12.77 -3.26 2.11
N PHE A 226 12.13 -3.42 3.27
CA PHE A 226 11.40 -2.34 3.99
C PHE A 226 12.01 -2.22 5.39
N PRO A 227 13.25 -1.71 5.51
CA PRO A 227 13.94 -1.69 6.80
C PRO A 227 13.07 -1.04 7.89
N GLY A 228 12.95 -1.69 9.06
CA GLY A 228 12.14 -1.21 10.20
C GLY A 228 10.65 -1.46 10.01
N GLY A 229 10.23 -2.02 8.89
CA GLY A 229 8.83 -2.40 8.62
C GLY A 229 8.34 -3.45 9.61
N ARG A 230 7.04 -3.74 9.59
CA ARG A 230 6.39 -4.82 10.38
C ARG A 230 5.14 -5.25 9.62
N LEU A 231 5.07 -6.50 9.18
CA LEU A 231 3.83 -7.03 8.58
C LEU A 231 2.82 -7.24 9.70
N PRO A 232 1.65 -6.57 9.68
CA PRO A 232 0.59 -6.88 10.64
C PRO A 232 -0.08 -8.18 10.19
N SER A 233 -0.98 -8.70 11.01
CA SER A 233 -1.97 -9.74 10.61
C SER A 233 -3.26 -9.02 10.20
N THR A 234 -4.09 -9.67 9.40
CA THR A 234 -5.45 -9.18 9.06
C THR A 234 -6.21 -8.96 10.38
N GLU A 235 -6.09 -9.90 11.32
CA GLU A 235 -6.82 -9.81 12.62
C GLU A 235 -6.44 -8.51 13.33
N MET A 236 -5.16 -8.13 13.31
CA MET A 236 -4.67 -6.87 13.93
C MET A 236 -5.33 -5.66 13.25
N MET A 237 -5.25 -5.60 11.92
CA MET A 237 -5.88 -4.53 11.11
C MET A 237 -7.36 -4.40 11.46
N VAL A 238 -8.07 -5.51 11.60
CA VAL A 238 -9.52 -5.50 11.90
C VAL A 238 -9.75 -5.02 13.34
N GLU A 239 -9.07 -5.61 14.32
CA GLU A 239 -9.39 -5.41 15.76
C GLU A 239 -8.97 -4.01 16.20
N HIS A 240 -7.86 -3.48 15.69
CA HIS A 240 -7.44 -2.09 15.98
C HIS A 240 -8.48 -1.10 15.43
N GLY A 241 -9.03 -1.39 14.25
CA GLY A 241 -10.11 -0.59 13.65
C GLY A 241 -11.33 -0.58 14.54
N GLU A 242 -11.75 -1.75 15.02
CA GLU A 242 -12.96 -1.90 15.85
C GLU A 242 -12.78 -1.16 17.19
N LYS A 243 -11.60 -1.29 17.80
CA LYS A 243 -11.26 -0.64 19.09
C LYS A 243 -11.48 0.87 18.95
N ALA A 244 -11.19 1.43 17.77
CA ALA A 244 -11.30 2.88 17.49
C ALA A 244 -12.75 3.28 17.19
N GLY A 245 -13.64 2.31 16.94
CA GLY A 245 -15.10 2.53 16.80
C GLY A 245 -15.61 2.24 15.41
N PHE A 246 -14.76 1.80 14.49
CA PHE A 246 -15.15 1.46 13.10
C PHE A 246 -15.91 0.13 13.04
N THR A 247 -16.88 0.06 12.13
CA THR A 247 -17.47 -1.17 11.56
C THR A 247 -16.52 -1.72 10.50
N VAL A 248 -16.21 -3.00 10.55
CA VAL A 248 -15.20 -3.63 9.64
C VAL A 248 -15.84 -4.86 9.02
N PRO A 249 -16.33 -4.76 7.77
CA PRO A 249 -16.84 -5.92 7.05
C PRO A 249 -15.69 -6.90 6.73
N GLU A 250 -16.03 -8.04 6.13
CA GLU A 250 -14.98 -9.05 5.84
C GLU A 250 -13.96 -8.42 4.91
N PRO A 251 -12.67 -8.42 5.28
CA PRO A 251 -11.62 -7.93 4.40
C PRO A 251 -11.53 -8.70 3.08
N LEU A 252 -11.17 -8.01 1.99
CA LEU A 252 -10.93 -8.65 0.68
C LEU A 252 -9.49 -9.15 0.61
N SER A 253 -9.30 -10.44 0.30
CA SER A 253 -7.95 -11.00 0.03
C SER A 253 -7.57 -10.67 -1.41
N LEU A 254 -6.35 -10.14 -1.62
CA LEU A 254 -5.79 -9.86 -2.98
C LEU A 254 -4.69 -10.88 -3.31
N ARG A 255 -4.56 -11.93 -2.50
CA ARG A 255 -3.49 -12.96 -2.64
C ARG A 255 -3.26 -13.32 -4.11
N PRO A 256 -4.27 -13.81 -4.87
CA PRO A 256 -4.03 -14.25 -6.24
C PRO A 256 -3.53 -13.12 -7.17
N HIS A 257 -3.96 -11.88 -6.91
CA HIS A 257 -3.49 -10.68 -7.66
C HIS A 257 -2.04 -10.37 -7.31
N TYR A 258 -1.61 -10.58 -6.07
CA TYR A 258 -0.20 -10.26 -5.68
C TYR A 258 0.74 -11.28 -6.33
N ILE A 259 0.32 -12.54 -6.42
CA ILE A 259 1.07 -13.63 -7.13
C ILE A 259 1.33 -13.18 -8.57
N LYS A 260 0.29 -12.77 -9.30
CA LYS A 260 0.38 -12.25 -10.69
C LYS A 260 1.30 -11.01 -10.72
N THR A 261 1.13 -10.09 -9.78
CA THR A 261 1.92 -8.84 -9.70
C THR A 261 3.40 -9.20 -9.54
N LEU A 262 3.74 -10.07 -8.59
CA LEU A 262 5.14 -10.38 -8.23
C LEU A 262 5.80 -11.20 -9.34
N ARG A 263 5.00 -12.01 -10.06
CA ARG A 263 5.46 -12.81 -11.22
C ARG A 263 5.95 -11.82 -12.30
N ILE A 264 5.14 -10.82 -12.64
CA ILE A 264 5.47 -9.80 -13.69
C ILE A 264 6.67 -8.96 -13.24
N TRP A 265 6.69 -8.52 -11.97
CA TRP A 265 7.79 -7.70 -11.40
C TRP A 265 9.11 -8.46 -11.53
N GLY A 266 9.15 -9.71 -11.07
CA GLY A 266 10.33 -10.59 -11.12
C GLY A 266 10.79 -10.85 -12.55
N ASP A 267 9.87 -11.19 -13.45
CA ASP A 267 10.17 -11.45 -14.88
C ASP A 267 10.75 -10.17 -15.50
N THR A 268 10.21 -9.01 -15.16
CA THR A 268 10.65 -7.69 -15.71
C THR A 268 12.04 -7.34 -15.15
N LEU A 269 12.25 -7.48 -13.84
CA LEU A 269 13.57 -7.21 -13.23
C LEU A 269 14.60 -8.12 -13.91
N GLN A 270 14.27 -9.40 -14.06
CA GLN A 270 15.17 -10.43 -14.68
C GLN A 270 15.50 -10.03 -16.11
N SER A 271 14.53 -9.55 -16.89
CA SER A 271 14.73 -9.14 -18.29
C SER A 271 15.64 -7.89 -18.36
N ASN A 272 15.76 -7.12 -17.27
CA ASN A 272 16.58 -5.87 -17.20
C ASN A 272 17.78 -6.04 -16.27
N LYS A 273 18.23 -7.29 -16.04
CA LYS A 273 19.35 -7.66 -15.14
C LYS A 273 20.54 -6.71 -15.38
N ASP A 274 21.04 -6.70 -16.62
CA ASP A 274 22.22 -5.91 -17.04
C ASP A 274 22.05 -4.46 -16.60
N LYS A 275 20.91 -3.85 -16.94
CA LYS A 275 20.67 -2.40 -16.69
C LYS A 275 20.48 -2.17 -15.18
N ALA A 276 19.84 -3.11 -14.48
CA ALA A 276 19.56 -3.01 -13.02
C ALA A 276 20.88 -3.06 -12.24
N ILE A 277 21.76 -4.00 -12.59
CA ILE A 277 23.13 -4.15 -11.98
C ILE A 277 23.92 -2.87 -12.26
N GLU A 278 23.88 -2.40 -13.51
CA GLU A 278 24.55 -1.16 -13.97
C GLU A 278 24.12 0.02 -13.10
N VAL A 279 22.82 0.14 -12.81
CA VAL A 279 22.22 1.30 -12.09
C VAL A 279 22.45 1.17 -10.57
N THR A 280 22.63 -0.04 -10.05
CA THR A 280 22.86 -0.29 -8.59
C THR A 280 24.09 -1.18 -8.41
N SER A 281 23.90 -2.49 -8.29
CA SER A 281 24.95 -3.51 -8.04
C SER A 281 24.35 -4.91 -8.22
N GLU A 282 25.20 -5.94 -8.28
CA GLU A 282 24.74 -7.37 -8.35
C GLU A 282 24.06 -7.72 -7.03
N GLU A 283 24.57 -7.21 -5.90
CA GLU A 283 24.00 -7.37 -4.55
C GLU A 283 22.52 -6.98 -4.58
N VAL A 284 22.22 -5.75 -5.00
CA VAL A 284 20.84 -5.18 -4.98
C VAL A 284 19.96 -5.97 -5.95
N TYR A 285 20.45 -6.29 -7.16
CA TYR A 285 19.69 -7.14 -8.13
C TYR A 285 19.30 -8.47 -7.48
N ASN A 286 20.25 -9.13 -6.80
CA ASN A 286 20.02 -10.46 -6.17
C ASN A 286 19.02 -10.33 -5.03
N ARG A 287 19.17 -9.30 -4.20
CA ARG A 287 18.26 -8.99 -3.07
C ARG A 287 16.81 -8.88 -3.58
N TYR A 288 16.58 -8.18 -4.69
CA TYR A 288 15.20 -7.86 -5.16
C TYR A 288 14.63 -9.08 -5.91
N MET A 289 15.46 -9.87 -6.59
CA MET A 289 14.97 -11.14 -7.21
C MET A 289 14.56 -12.13 -6.10
N LYS A 290 15.34 -12.21 -5.02
CA LYS A 290 15.05 -13.02 -3.82
C LYS A 290 13.71 -12.56 -3.24
N TYR A 291 13.56 -11.26 -3.04
CA TYR A 291 12.31 -10.64 -2.52
C TYR A 291 11.11 -11.04 -3.40
N LEU A 292 11.21 -10.76 -4.70
CA LEU A 292 10.05 -10.87 -5.65
C LEU A 292 9.67 -12.34 -5.87
N ARG A 293 10.64 -13.21 -6.15
CA ARG A 293 10.42 -14.68 -6.28
C ARG A 293 9.96 -15.26 -4.94
N GLY A 294 10.61 -14.86 -3.83
CA GLY A 294 10.27 -15.31 -2.47
C GLY A 294 8.83 -14.96 -2.11
N CYS A 295 8.41 -13.71 -2.28
CA CYS A 295 7.02 -13.29 -1.98
C CYS A 295 6.04 -14.12 -2.81
N GLU A 296 6.31 -14.29 -4.11
CA GLU A 296 5.43 -15.09 -5.02
C GLU A 296 5.26 -16.48 -4.41
N HIS A 297 6.35 -17.04 -3.89
CA HIS A 297 6.39 -18.42 -3.34
C HIS A 297 5.47 -18.50 -2.11
N TYR A 298 5.68 -17.64 -1.11
CA TYR A 298 4.99 -17.67 0.20
C TYR A 298 3.53 -17.22 0.07
N PHE A 299 3.21 -16.37 -0.91
CA PHE A 299 1.80 -16.06 -1.28
C PHE A 299 1.13 -17.31 -1.86
N THR A 300 1.82 -18.02 -2.76
CA THR A 300 1.31 -19.26 -3.41
C THR A 300 1.10 -20.33 -2.32
N ASP A 301 1.99 -20.39 -1.32
CA ASP A 301 1.94 -21.35 -0.18
C ASP A 301 0.97 -20.85 0.90
N GLU A 302 0.37 -19.68 0.72
CA GLU A 302 -0.70 -19.11 1.59
C GLU A 302 -0.14 -18.93 3.01
N MET A 303 1.14 -18.55 3.13
CA MET A 303 1.81 -18.17 4.41
C MET A 303 1.87 -16.62 4.52
N LEU A 304 1.64 -15.92 3.40
CA LEU A 304 1.42 -14.46 3.33
C LEU A 304 0.07 -14.18 2.65
N ASP A 305 -0.51 -13.01 2.93
CA ASP A 305 -1.77 -12.57 2.29
C ASP A 305 -1.64 -11.06 2.05
N CYS A 306 -2.61 -10.50 1.34
CA CYS A 306 -2.76 -9.05 1.11
C CYS A 306 -4.23 -8.72 1.32
N SER A 307 -4.51 -7.89 2.31
CA SER A 307 -5.89 -7.57 2.77
C SER A 307 -6.24 -6.13 2.40
N LEU A 308 -7.37 -5.94 1.73
CA LEU A 308 -8.00 -4.62 1.54
C LEU A 308 -9.16 -4.56 2.54
N VAL A 309 -8.94 -3.82 3.62
CA VAL A 309 -9.85 -3.70 4.79
C VAL A 309 -10.59 -2.38 4.65
N THR A 310 -11.90 -2.41 4.77
CA THR A 310 -12.79 -1.24 4.76
C THR A 310 -13.18 -0.95 6.21
N TYR A 311 -13.05 0.31 6.61
CA TYR A 311 -13.39 0.84 7.94
C TYR A 311 -14.52 1.85 7.77
N LEU A 312 -15.68 1.54 8.36
CA LEU A 312 -16.91 2.37 8.24
C LEU A 312 -17.20 3.04 9.58
N LYS A 313 -17.40 4.35 9.59
CA LYS A 313 -17.82 5.08 10.81
C LYS A 313 -19.29 4.71 11.05
N PRO A 314 -19.78 4.80 12.30
CA PRO A 314 -21.16 4.42 12.62
C PRO A 314 -22.22 5.06 11.70
N GLY A 315 -21.98 6.29 11.23
CA GLY A 315 -22.94 7.04 10.38
C GLY A 315 -22.72 6.80 8.89
N ALA A 316 -21.78 5.95 8.47
CA ALA A 316 -21.53 5.68 7.03
C ALA A 316 -22.83 5.26 6.34
N ALA A 317 -23.03 5.64 5.08
CA ALA A 317 -24.19 5.23 4.24
C ALA A 317 -24.16 3.69 4.08
N ALA A 318 -25.33 3.06 4.01
CA ALA A 318 -25.47 1.57 3.91
C ALA A 318 -25.23 1.13 2.47
O01 8N0 B . 3.22 8.22 8.15
C02 8N0 B . 3.85 7.25 7.37
C03 8N0 B . 4.59 6.23 7.97
C04 8N0 B . 5.18 5.29 7.13
C05 8N0 B . 5.02 5.39 5.75
N06 8N0 B . 4.30 6.38 5.23
C07 8N0 B . 3.71 7.30 5.99
BR1 8N0 B . 2.68 8.75 5.20
S DMS C . 4.95 -7.64 1.14
O DMS C . 6.37 -7.29 1.48
C1 DMS C . 4.90 -7.90 -0.62
C2 DMS C . 4.74 -9.34 1.64
S DMS D . 13.83 1.69 0.27
O DMS D . 14.34 0.75 1.33
C1 DMS D . 14.69 3.22 0.50
C2 DMS D . 14.61 1.18 -1.23
S DMS E . 9.95 3.23 -4.33
O DMS E . 9.05 2.86 -5.48
C1 DMS E . 10.95 4.58 -4.91
C2 DMS E . 8.95 4.15 -3.19
#